data_4KNV
#
_entry.id   4KNV
#
_cell.length_a   46.340
_cell.length_b   53.436
_cell.length_c   63.958
_cell.angle_alpha   65.500
_cell.angle_beta   74.990
_cell.angle_gamma   85.170
#
_symmetry.space_group_name_H-M   'P 1'
#
loop_
_entity.id
_entity.type
_entity.pdbx_description
1 polymer N-acylneuraminate-9-phosphatase
2 non-polymer 'PHOSPHATE ION'
3 non-polymer 'MAGNESIUM ION'
4 water water
#
_entity_poly.entity_id   1
_entity_poly.type   'polypeptide(L)'
_entity_poly.pdbx_seq_one_letter_code
;(MSE)RAVFFDLDNTLIDTAGASRRG(MSE)LEVIKLLQSKYHYKEEAEIICDKVQVKLSKECFHPYNTCITDLRTSHWE
EAIQETKGGAANRKLAEECYFLWKSTRLQH(MSE)TLAEDVKA(MSE)LTELRKEVRLLLLTNGDRQTQREKIEACACQS
YFDAVVVGGEQREEKPAPSIFYYCCNLLGVQPGDCV(MSE)VGDTLETDIQGGLNAGLKATVWINKNGIVPLKSSPVPHY
(MSE)VSSVLELPALLQSIDCLVPR
;
_entity_poly.pdbx_strand_id   A,B
#
loop_
_chem_comp.id
_chem_comp.type
_chem_comp.name
_chem_comp.formula
MG non-polymer 'MAGNESIUM ION' 'Mg 2'
PO4 non-polymer 'PHOSPHATE ION' 'O4 P -3'
#
# COMPACT_ATOMS: atom_id res chain seq x y z
N MSE A 1 15.50 -24.52 27.26
CA MSE A 1 15.04 -23.52 26.29
C MSE A 1 14.84 -24.15 24.91
O MSE A 1 15.60 -25.04 24.51
CB MSE A 1 16.03 -22.35 26.22
CG MSE A 1 15.59 -21.20 25.30
SE MSE A 1 13.76 -20.53 25.53
CE MSE A 1 13.89 -19.89 27.39
N ARG A 2 13.80 -23.71 24.22
CA ARG A 2 13.52 -24.20 22.88
C ARG A 2 13.36 -23.02 21.92
N ALA A 3 13.59 -23.27 20.65
CA ALA A 3 13.44 -22.25 19.64
C ALA A 3 12.78 -22.87 18.42
N VAL A 4 12.01 -22.05 17.71
CA VAL A 4 11.44 -22.46 16.45
C VAL A 4 11.84 -21.43 15.38
N PHE A 5 12.48 -21.90 14.30
CA PHE A 5 12.81 -21.07 13.15
C PHE A 5 11.71 -21.22 12.09
N PHE A 6 11.26 -20.09 11.56
CA PHE A 6 10.28 -20.06 10.47
C PHE A 6 10.85 -19.55 9.17
N ASP A 7 10.54 -20.27 8.11
CA ASP A 7 10.75 -19.82 6.75
C ASP A 7 9.76 -18.66 6.50
N LEU A 8 9.98 -17.84 5.49
CA LEU A 8 9.06 -16.72 5.25
C LEU A 8 8.15 -16.92 4.03
N ASP A 9 8.75 -16.93 2.84
CA ASP A 9 8.03 -16.96 1.59
C ASP A 9 7.20 -18.22 1.43
N ASN A 10 5.89 -18.05 1.26
CA ASN A 10 5.00 -19.18 1.01
C ASN A 10 4.76 -20.06 2.23
N THR A 11 5.49 -19.81 3.31
CA THR A 11 5.16 -20.44 4.58
C THR A 11 4.26 -19.52 5.41
N LEU A 12 4.69 -18.25 5.58
CA LEU A 12 3.95 -17.31 6.42
C LEU A 12 3.20 -16.24 5.61
N ILE A 13 3.67 -15.96 4.39
CA ILE A 13 3.00 -15.03 3.51
C ILE A 13 2.82 -15.64 2.12
N ASP A 14 1.79 -15.22 1.41
CA ASP A 14 1.53 -15.80 0.10
C ASP A 14 2.37 -15.08 -0.95
N THR A 15 3.65 -15.42 -1.02
CA THR A 15 4.56 -14.75 -1.93
C THR A 15 4.23 -15.02 -3.39
N ALA A 16 3.98 -16.28 -3.73
CA ALA A 16 3.70 -16.64 -5.12
C ALA A 16 2.40 -16.00 -5.61
N GLY A 17 1.37 -16.06 -4.77
CA GLY A 17 0.11 -15.41 -5.08
C GLY A 17 0.26 -13.91 -5.25
N ALA A 18 1.05 -13.30 -4.37
CA ALA A 18 1.38 -11.88 -4.44
C ALA A 18 2.03 -11.54 -5.76
N SER A 19 2.96 -12.39 -6.19
CA SER A 19 3.62 -12.20 -7.48
C SER A 19 2.65 -12.36 -8.66
N ARG A 20 1.80 -13.39 -8.62
CA ARG A 20 0.72 -13.52 -9.60
C ARG A 20 -0.15 -12.27 -9.66
N ARG A 21 -0.54 -11.75 -8.50
CA ARG A 21 -1.30 -10.52 -8.44
C ARG A 21 -0.56 -9.39 -9.17
N GLY A 22 0.75 -9.30 -8.94
CA GLY A 22 1.57 -8.27 -9.56
C GLY A 22 1.55 -8.34 -11.07
N MSE A 23 1.67 -9.55 -11.61
CA MSE A 23 1.57 -9.79 -13.04
C MSE A 23 0.17 -9.45 -13.59
O MSE A 23 0.03 -8.85 -14.65
CB MSE A 23 1.95 -11.25 -13.38
CG MSE A 23 3.43 -11.58 -13.18
SE MSE A 23 4.66 -10.30 -14.05
CE MSE A 23 6.38 -11.08 -13.54
N LEU A 24 -0.86 -9.84 -12.85
CA LEU A 24 -2.22 -9.51 -13.25
C LEU A 24 -2.39 -8.01 -13.41
N GLU A 25 -1.78 -7.25 -12.51
CA GLU A 25 -1.90 -5.79 -12.59
C GLU A 25 -1.10 -5.21 -13.75
N VAL A 26 0.09 -5.74 -13.99
CA VAL A 26 0.87 -5.29 -15.14
C VAL A 26 0.15 -5.60 -16.45
N ILE A 27 -0.42 -6.80 -16.54
CA ILE A 27 -1.17 -7.18 -17.73
C ILE A 27 -2.27 -6.17 -17.96
N LYS A 28 -2.99 -5.83 -16.90
CA LYS A 28 -4.05 -4.82 -16.98
C LYS A 28 -3.50 -3.49 -17.50
N LEU A 29 -2.35 -3.07 -16.96
CA LEU A 29 -1.72 -1.82 -17.37
C LEU A 29 -1.40 -1.81 -18.85
N LEU A 30 -0.62 -2.79 -19.29
CA LEU A 30 -0.24 -2.86 -20.68
C LEU A 30 -1.45 -2.95 -21.59
N GLN A 31 -2.46 -3.71 -21.18
CA GLN A 31 -3.66 -3.88 -22.00
C GLN A 31 -4.56 -2.63 -22.05
N SER A 32 -4.80 -2.00 -20.90
CA SER A 32 -5.67 -0.82 -20.81
C SER A 32 -5.00 0.49 -21.21
N LYS A 33 -3.80 0.74 -20.69
CA LYS A 33 -3.12 2.01 -20.96
C LYS A 33 -2.39 2.00 -22.31
N TYR A 34 -1.88 0.85 -22.70
CA TYR A 34 -1.05 0.79 -23.89
C TYR A 34 -1.64 -0.05 -25.01
N HIS A 35 -2.83 -0.59 -24.75
CA HIS A 35 -3.60 -1.31 -25.77
C HIS A 35 -2.92 -2.58 -26.27
N TYR A 36 -1.94 -3.06 -25.52
CA TYR A 36 -1.35 -4.35 -25.82
C TYR A 36 -2.46 -5.39 -25.86
N LYS A 37 -2.27 -6.44 -26.62
CA LYS A 37 -3.19 -7.56 -26.54
C LYS A 37 -2.52 -8.69 -25.76
N GLU A 38 -2.36 -9.85 -26.37
CA GLU A 38 -1.80 -10.97 -25.62
C GLU A 38 -0.27 -10.89 -25.45
N GLU A 39 0.38 -9.92 -26.09
CA GLU A 39 1.80 -9.67 -25.81
C GLU A 39 1.99 -9.33 -24.33
N ALA A 40 0.95 -8.78 -23.70
CA ALA A 40 1.00 -8.51 -22.28
C ALA A 40 1.43 -9.78 -21.52
N GLU A 41 0.68 -10.88 -21.69
CA GLU A 41 1.01 -12.12 -20.96
C GLU A 41 2.35 -12.70 -21.39
N ILE A 42 2.70 -12.54 -22.66
CA ILE A 42 3.97 -13.06 -23.17
C ILE A 42 5.13 -12.38 -22.44
N ILE A 43 5.10 -11.05 -22.35
CA ILE A 43 6.12 -10.31 -21.65
C ILE A 43 6.21 -10.74 -20.18
N CYS A 44 5.07 -10.77 -19.51
CA CYS A 44 5.03 -11.16 -18.11
C CYS A 44 5.60 -12.57 -17.90
N ASP A 45 5.26 -13.49 -18.80
CA ASP A 45 5.83 -14.83 -18.73
C ASP A 45 7.36 -14.79 -18.80
N LYS A 46 7.89 -13.99 -19.72
CA LYS A 46 9.34 -13.85 -19.86
C LYS A 46 10.01 -13.35 -18.58
N VAL A 47 9.41 -12.33 -17.95
CA VAL A 47 9.98 -11.77 -16.73
C VAL A 47 10.00 -12.83 -15.65
N GLN A 48 8.89 -13.54 -15.51
CA GLN A 48 8.80 -14.61 -14.52
C GLN A 48 9.97 -15.58 -14.70
N VAL A 49 10.25 -15.96 -15.94
CA VAL A 49 11.36 -16.85 -16.21
C VAL A 49 12.70 -16.24 -15.80
N LYS A 50 12.90 -14.98 -16.17
CA LYS A 50 14.14 -14.29 -15.83
C LYS A 50 14.31 -14.21 -14.31
N LEU A 51 13.24 -13.85 -13.61
CA LEU A 51 13.24 -13.82 -12.15
C LEU A 51 13.70 -15.18 -11.61
N SER A 52 13.09 -16.25 -12.12
CA SER A 52 13.39 -17.60 -11.65
C SER A 52 14.85 -18.00 -11.89
N LYS A 53 15.49 -17.39 -12.89
CA LYS A 53 16.87 -17.75 -13.23
C LYS A 53 17.97 -16.98 -12.49
N GLU A 54 17.63 -15.91 -11.78
CA GLU A 54 18.66 -15.24 -10.98
C GLU A 54 19.20 -16.14 -9.87
N CYS A 55 20.53 -16.21 -9.75
CA CYS A 55 21.14 -17.07 -8.74
C CYS A 55 22.14 -16.35 -7.83
N PHE A 56 23.22 -15.82 -8.42
CA PHE A 56 24.34 -15.28 -7.64
C PHE A 56 23.95 -14.08 -6.77
N HIS A 57 24.70 -12.99 -6.91
CA HIS A 57 24.37 -11.67 -6.34
C HIS A 57 25.31 -11.09 -5.26
N PRO A 58 25.38 -11.74 -4.09
CA PRO A 58 25.97 -11.20 -2.85
C PRO A 58 27.26 -10.36 -2.98
N TYR A 59 28.13 -10.68 -3.94
CA TYR A 59 29.35 -9.88 -4.14
C TYR A 59 28.99 -8.40 -4.26
N ASN A 60 27.90 -8.13 -4.98
CA ASN A 60 27.24 -6.82 -5.00
C ASN A 60 26.24 -6.71 -6.16
N THR A 61 25.03 -6.27 -5.85
CA THR A 61 24.00 -6.06 -6.86
C THR A 61 23.08 -4.92 -6.48
N CYS A 62 22.60 -4.19 -7.49
CA CYS A 62 21.47 -3.30 -7.33
C CYS A 62 20.28 -4.06 -7.89
N ILE A 63 19.43 -4.56 -7.01
CA ILE A 63 18.35 -5.45 -7.43
C ILE A 63 17.34 -4.68 -8.28
N THR A 64 17.14 -3.41 -7.94
CA THR A 64 16.23 -2.58 -8.69
C THR A 64 16.63 -2.47 -10.17
N ASP A 65 17.93 -2.31 -10.42
CA ASP A 65 18.41 -2.16 -11.79
C ASP A 65 18.27 -3.47 -12.53
N LEU A 66 18.66 -4.55 -11.86
CA LEU A 66 18.62 -5.88 -12.43
C LEU A 66 17.22 -6.30 -12.88
N ARG A 67 16.23 -6.06 -12.01
CA ARG A 67 14.86 -6.49 -12.25
C ARG A 67 14.13 -5.56 -13.21
N THR A 68 14.52 -4.29 -13.19
CA THR A 68 14.04 -3.34 -14.17
C THR A 68 14.53 -3.81 -15.53
N SER A 69 15.78 -4.29 -15.58
CA SER A 69 16.32 -4.81 -16.84
C SER A 69 15.58 -6.06 -17.35
N HIS A 70 15.08 -6.90 -16.44
CA HIS A 70 14.31 -8.06 -16.86
C HIS A 70 13.14 -7.59 -17.69
N TRP A 71 12.45 -6.56 -17.19
CA TRP A 71 11.29 -6.00 -17.90
C TRP A 71 11.69 -5.40 -19.24
N GLU A 72 12.73 -4.57 -19.22
CA GLU A 72 13.22 -3.93 -20.44
C GLU A 72 13.46 -4.97 -21.55
N GLU A 73 14.23 -5.99 -21.21
CA GLU A 73 14.51 -7.11 -22.10
C GLU A 73 13.25 -7.82 -22.58
N ALA A 74 12.38 -8.19 -21.64
CA ALA A 74 11.16 -8.93 -21.98
C ALA A 74 10.31 -8.14 -22.97
N ILE A 75 10.20 -6.83 -22.74
CA ILE A 75 9.45 -5.99 -23.67
C ILE A 75 10.07 -6.04 -25.05
N GLN A 76 11.38 -5.85 -25.12
CA GLN A 76 12.09 -5.80 -26.39
C GLN A 76 12.11 -7.16 -27.08
N GLU A 77 12.23 -8.23 -26.29
CA GLU A 77 12.26 -9.57 -26.85
C GLU A 77 10.91 -10.00 -27.41
N THR A 78 9.85 -9.31 -26.98
CA THR A 78 8.50 -9.67 -27.42
C THR A 78 8.03 -8.72 -28.51
N LYS A 79 8.13 -7.43 -28.24
CA LYS A 79 7.61 -6.41 -29.14
C LYS A 79 8.69 -5.76 -30.03
N GLY A 80 9.94 -6.16 -29.85
CA GLY A 80 11.03 -5.57 -30.59
C GLY A 80 11.17 -4.08 -30.28
N GLY A 81 11.56 -3.29 -31.29
CA GLY A 81 11.74 -1.86 -31.10
C GLY A 81 13.03 -1.57 -30.35
N ALA A 82 13.25 -0.31 -30.04
CA ALA A 82 14.36 0.12 -29.21
C ALA A 82 14.02 -0.17 -27.75
N ALA A 83 15.04 -0.41 -26.94
CA ALA A 83 14.82 -0.68 -25.52
C ALA A 83 14.08 0.50 -24.88
N ASN A 84 13.12 0.19 -24.01
CA ASN A 84 12.30 1.23 -23.41
C ASN A 84 12.38 1.18 -21.88
N ARG A 85 13.36 1.90 -21.32
CA ARG A 85 13.62 1.83 -19.88
C ARG A 85 12.46 2.40 -19.06
N LYS A 86 11.84 3.46 -19.59
CA LYS A 86 10.72 4.10 -18.89
C LYS A 86 9.55 3.16 -18.70
N LEU A 87 9.18 2.46 -19.76
CA LEU A 87 8.09 1.48 -19.67
C LEU A 87 8.50 0.31 -18.77
N ALA A 88 9.77 -0.08 -18.84
CA ALA A 88 10.30 -1.15 -17.98
C ALA A 88 10.10 -0.78 -16.51
N GLU A 89 10.43 0.46 -16.17
CA GLU A 89 10.26 0.96 -14.81
C GLU A 89 8.79 0.98 -14.43
N GLU A 90 7.93 1.43 -15.34
CA GLU A 90 6.52 1.52 -15.01
C GLU A 90 5.98 0.13 -14.66
N CYS A 91 6.38 -0.88 -15.42
CA CYS A 91 5.95 -2.26 -15.16
C CYS A 91 6.53 -2.79 -13.86
N TYR A 92 7.85 -2.66 -13.71
CA TYR A 92 8.55 -3.18 -12.53
C TYR A 92 7.94 -2.67 -11.24
N PHE A 93 7.80 -1.35 -11.12
CA PHE A 93 7.34 -0.76 -9.87
C PHE A 93 5.86 -1.05 -9.61
N LEU A 94 5.10 -1.30 -10.67
CA LEU A 94 3.71 -1.71 -10.47
C LEU A 94 3.67 -3.14 -9.95
N TRP A 95 4.45 -4.02 -10.57
CA TRP A 95 4.57 -5.40 -10.11
C TRP A 95 5.05 -5.44 -8.65
N LYS A 96 6.10 -4.68 -8.36
CA LYS A 96 6.67 -4.69 -7.01
C LYS A 96 5.68 -4.18 -5.95
N SER A 97 5.08 -3.02 -6.19
CA SER A 97 4.20 -2.43 -5.19
C SER A 97 2.94 -3.29 -5.01
N THR A 98 2.42 -3.82 -6.11
CA THR A 98 1.25 -4.70 -6.05
C THR A 98 1.56 -5.93 -5.18
N ARG A 99 2.73 -6.52 -5.38
CA ARG A 99 3.04 -7.75 -4.66
C ARG A 99 3.22 -7.46 -3.18
N LEU A 100 3.96 -6.40 -2.85
CA LEU A 100 4.22 -6.07 -1.43
C LEU A 100 2.93 -5.76 -0.71
N GLN A 101 2.02 -5.11 -1.40
CA GLN A 101 0.70 -4.82 -0.87
C GLN A 101 -0.06 -6.12 -0.55
N HIS A 102 0.11 -7.13 -1.40
CA HIS A 102 -0.60 -8.41 -1.24
C HIS A 102 -0.03 -9.25 -0.09
N MSE A 103 1.21 -8.99 0.31
CA MSE A 103 1.82 -9.81 1.36
C MSE A 103 1.41 -9.40 2.77
O MSE A 103 1.74 -8.32 3.25
CB MSE A 103 3.33 -9.81 1.21
CG MSE A 103 3.81 -10.62 0.03
SE MSE A 103 5.68 -10.14 -0.31
CE MSE A 103 5.73 -10.36 -2.26
N THR A 104 0.70 -10.28 3.45
CA THR A 104 0.21 -9.98 4.79
C THR A 104 0.17 -11.26 5.62
N LEU A 105 0.29 -11.11 6.94
CA LEU A 105 0.13 -12.23 7.85
C LEU A 105 -1.35 -12.40 8.18
N ALA A 106 -1.93 -13.54 7.85
CA ALA A 106 -3.30 -13.81 8.24
C ALA A 106 -3.47 -13.69 9.76
N GLU A 107 -4.69 -13.37 10.20
CA GLU A 107 -4.95 -13.14 11.61
C GLU A 107 -4.70 -14.40 12.43
N ASP A 108 -5.03 -15.56 11.88
CA ASP A 108 -4.77 -16.81 12.59
C ASP A 108 -3.27 -17.14 12.59
N VAL A 109 -2.52 -16.66 11.61
CA VAL A 109 -1.06 -16.83 11.66
C VAL A 109 -0.46 -15.92 12.74
N LYS A 110 -0.97 -14.69 12.82
CA LYS A 110 -0.60 -13.79 13.91
C LYS A 110 -0.88 -14.40 15.28
N ALA A 111 -2.11 -14.90 15.49
CA ALA A 111 -2.46 -15.52 16.77
C ALA A 111 -1.55 -16.71 17.07
N MSE A 112 -1.32 -17.53 16.07
CA MSE A 112 -0.45 -18.68 16.20
C MSE A 112 0.96 -18.28 16.65
O MSE A 112 1.52 -18.86 17.58
CB MSE A 112 -0.40 -19.45 14.87
CG MSE A 112 0.25 -20.82 14.97
SE MSE A 112 2.11 -20.73 14.39
CE MSE A 112 1.80 -20.78 12.49
N LEU A 113 1.54 -17.28 15.99
CA LEU A 113 2.88 -16.84 16.35
C LEU A 113 2.91 -16.26 17.77
N THR A 114 1.87 -15.52 18.12
CA THR A 114 1.80 -14.94 19.46
C THR A 114 1.77 -16.05 20.51
N GLU A 115 0.94 -17.06 20.29
CA GLU A 115 0.89 -18.20 21.21
C GLU A 115 2.25 -18.92 21.35
N LEU A 116 2.93 -19.17 20.24
CA LEU A 116 4.22 -19.85 20.29
C LEU A 116 5.24 -19.11 21.14
N ARG A 117 5.29 -17.80 20.96
CA ARG A 117 6.34 -16.99 21.59
C ARG A 117 6.26 -16.95 23.11
N LYS A 118 5.08 -17.21 23.67
CA LYS A 118 4.95 -17.33 25.12
C LYS A 118 5.86 -18.43 25.69
N GLU A 119 6.19 -19.43 24.89
CA GLU A 119 6.98 -20.55 25.39
C GLU A 119 8.35 -20.74 24.74
N VAL A 120 8.49 -20.32 23.50
CA VAL A 120 9.75 -20.53 22.79
C VAL A 120 10.25 -19.25 22.14
N ARG A 121 11.55 -19.22 21.83
CA ARG A 121 12.15 -18.12 21.10
C ARG A 121 11.85 -18.32 19.61
N LEU A 122 11.51 -17.23 18.92
CA LEU A 122 11.10 -17.34 17.52
C LEU A 122 12.05 -16.59 16.61
N LEU A 123 12.46 -17.27 15.55
CA LEU A 123 13.31 -16.64 14.58
C LEU A 123 12.81 -16.86 13.14
N LEU A 124 12.88 -15.80 12.35
CA LEU A 124 12.55 -15.87 10.93
C LEU A 124 13.83 -16.02 10.12
N LEU A 125 13.90 -17.06 9.29
CA LEU A 125 15.10 -17.33 8.48
C LEU A 125 14.72 -17.42 7.01
N THR A 126 15.07 -16.38 6.26
CA THR A 126 14.55 -16.23 4.90
C THR A 126 15.69 -16.01 3.91
N ASN A 127 15.77 -16.85 2.87
CA ASN A 127 16.72 -16.66 1.77
C ASN A 127 16.36 -15.45 0.91
N GLY A 128 17.29 -14.96 0.09
CA GLY A 128 17.00 -13.89 -0.87
C GLY A 128 17.79 -12.60 -0.65
N ASP A 129 17.82 -11.72 -1.64
CA ASP A 129 18.63 -10.50 -1.49
C ASP A 129 18.11 -9.60 -0.36
N ARG A 130 19.05 -8.96 0.33
CA ARG A 130 18.77 -8.12 1.49
C ARG A 130 17.59 -7.17 1.25
N GLN A 131 17.70 -6.36 0.21
CA GLN A 131 16.70 -5.31 -0.01
C GLN A 131 15.30 -5.89 -0.21
N THR A 132 15.20 -6.87 -1.10
CA THR A 132 13.91 -7.46 -1.41
C THR A 132 13.26 -8.10 -0.16
N GLN A 133 14.04 -8.85 0.59
CA GLN A 133 13.49 -9.55 1.76
C GLN A 133 13.11 -8.54 2.85
N ARG A 134 13.99 -7.58 3.14
CA ARG A 134 13.68 -6.56 4.14
C ARG A 134 12.39 -5.81 3.76
N GLU A 135 12.23 -5.52 2.46
CA GLU A 135 10.99 -4.91 1.96
C GLU A 135 9.75 -5.78 2.25
N LYS A 136 9.88 -7.09 2.05
CA LYS A 136 8.77 -8.01 2.33
C LYS A 136 8.46 -8.02 3.82
N ILE A 137 9.52 -8.05 4.63
CA ILE A 137 9.37 -8.09 6.08
C ILE A 137 8.67 -6.83 6.59
N GLU A 138 9.00 -5.70 5.98
CA GLU A 138 8.34 -4.46 6.32
C GLU A 138 6.88 -4.45 5.86
N ALA A 139 6.65 -5.00 4.68
CA ALA A 139 5.31 -4.99 4.07
C ALA A 139 4.27 -5.83 4.84
N CYS A 140 4.70 -6.95 5.41
CA CYS A 140 3.77 -7.81 6.13
C CYS A 140 3.87 -7.59 7.64
N ALA A 141 4.65 -6.58 8.03
CA ALA A 141 4.78 -6.18 9.43
C ALA A 141 5.04 -7.36 10.36
N CYS A 142 5.94 -8.25 9.98
CA CYS A 142 6.14 -9.47 10.77
C CYS A 142 7.28 -9.38 11.79
N GLN A 143 8.15 -8.39 11.67
CA GLN A 143 9.33 -8.36 12.55
C GLN A 143 8.95 -8.38 14.03
N SER A 144 7.76 -7.87 14.35
CA SER A 144 7.38 -7.76 15.75
C SER A 144 6.96 -9.09 16.38
N TYR A 145 6.81 -10.12 15.56
CA TYR A 145 6.38 -11.43 16.06
C TYR A 145 7.57 -12.34 16.34
N PHE A 146 8.76 -11.87 15.99
CA PHE A 146 9.97 -12.68 16.13
C PHE A 146 11.03 -12.02 17.03
N ASP A 147 11.85 -12.85 17.65
CA ASP A 147 12.96 -12.36 18.47
C ASP A 147 14.09 -11.91 17.57
N ALA A 148 14.15 -12.51 16.39
CA ALA A 148 15.11 -12.07 15.40
C ALA A 148 14.71 -12.51 14.01
N VAL A 149 15.30 -11.83 13.06
CA VAL A 149 15.02 -12.05 11.67
C VAL A 149 16.37 -12.11 11.00
N VAL A 150 16.62 -13.19 10.26
CA VAL A 150 17.88 -13.36 9.56
C VAL A 150 17.59 -13.52 8.06
N VAL A 151 18.32 -12.76 7.25
CA VAL A 151 18.14 -12.76 5.81
C VAL A 151 19.36 -13.35 5.11
N GLY A 152 19.13 -14.39 4.30
CA GLY A 152 20.21 -15.10 3.64
C GLY A 152 21.19 -14.20 2.90
N GLY A 153 20.69 -13.25 2.13
CA GLY A 153 21.55 -12.37 1.35
C GLY A 153 22.37 -11.38 2.15
N GLU A 154 22.19 -11.38 3.47
CA GLU A 154 23.01 -10.55 4.34
C GLU A 154 24.08 -11.41 4.95
N GLN A 155 24.02 -12.71 4.68
CA GLN A 155 24.98 -13.62 5.28
C GLN A 155 25.94 -14.13 4.22
N ARG A 156 26.99 -14.80 4.68
CA ARG A 156 28.00 -15.38 3.81
C ARG A 156 27.45 -16.55 3.00
N GLU A 157 26.51 -17.28 3.59
CA GLU A 157 25.86 -18.43 2.98
C GLU A 157 24.38 -18.45 3.34
N GLU A 158 23.57 -19.08 2.50
CA GLU A 158 22.12 -19.18 2.70
C GLU A 158 21.72 -20.60 3.02
N LYS A 159 20.42 -20.82 3.26
CA LYS A 159 19.87 -22.17 3.39
C LYS A 159 20.11 -22.87 2.06
N PRO A 160 20.57 -24.15 2.09
CA PRO A 160 20.64 -25.07 3.22
C PRO A 160 22.01 -25.20 3.90
N ALA A 161 22.88 -24.22 3.70
CA ALA A 161 24.19 -24.20 4.34
C ALA A 161 24.01 -24.19 5.87
N PRO A 162 24.69 -25.12 6.57
CA PRO A 162 24.47 -25.17 8.03
C PRO A 162 24.96 -23.90 8.71
N SER A 163 25.97 -23.24 8.14
CA SER A 163 26.54 -22.06 8.80
C SER A 163 25.47 -21.04 9.20
N ILE A 164 24.52 -20.76 8.31
CA ILE A 164 23.49 -19.76 8.63
C ILE A 164 22.59 -20.22 9.78
N PHE A 165 22.35 -21.53 9.87
CA PHE A 165 21.64 -22.08 11.02
C PHE A 165 22.42 -21.90 12.32
N TYR A 166 23.73 -22.13 12.27
CA TYR A 166 24.52 -21.99 13.50
C TYR A 166 24.50 -20.51 13.93
N TYR A 167 24.52 -19.61 12.94
CA TYR A 167 24.39 -18.20 13.23
C TYR A 167 23.06 -17.91 13.95
N CYS A 168 21.97 -18.41 13.39
CA CYS A 168 20.65 -18.28 14.03
C CYS A 168 20.64 -18.84 15.47
N CYS A 169 21.25 -20.00 15.66
CA CYS A 169 21.28 -20.62 16.99
C CYS A 169 22.02 -19.72 17.98
N ASN A 170 23.18 -19.22 17.58
CA ASN A 170 23.93 -18.32 18.43
C ASN A 170 23.13 -17.06 18.70
N LEU A 171 22.49 -16.53 17.67
CA LEU A 171 21.76 -15.28 17.82
C LEU A 171 20.73 -15.41 18.95
N LEU A 172 20.06 -16.56 19.02
CA LEU A 172 19.03 -16.77 20.04
C LEU A 172 19.58 -17.40 21.32
N GLY A 173 20.88 -17.67 21.33
CA GLY A 173 21.52 -18.26 22.50
C GLY A 173 21.06 -19.69 22.75
N VAL A 174 20.80 -20.45 21.70
CA VAL A 174 20.42 -21.84 21.89
C VAL A 174 21.36 -22.77 21.12
N GLN A 175 21.13 -24.07 21.26
CA GLN A 175 21.88 -25.10 20.52
C GLN A 175 21.02 -25.66 19.38
N PRO A 176 21.66 -26.21 18.35
CA PRO A 176 20.91 -26.82 17.25
C PRO A 176 19.88 -27.85 17.73
N GLY A 177 20.21 -28.63 18.77
CA GLY A 177 19.32 -29.66 19.29
C GLY A 177 18.13 -29.11 20.08
N ASP A 178 18.16 -27.81 20.36
CA ASP A 178 17.03 -27.13 21.00
C ASP A 178 16.06 -26.57 19.95
N CYS A 179 16.42 -26.69 18.67
CA CYS A 179 15.74 -25.96 17.60
C CYS A 179 14.92 -26.79 16.60
N VAL A 180 13.83 -26.17 16.12
CA VAL A 180 12.96 -26.75 15.11
C VAL A 180 12.89 -25.80 13.92
N MSE A 181 13.06 -26.34 12.72
CA MSE A 181 12.92 -25.54 11.50
C MSE A 181 11.59 -25.89 10.83
O MSE A 181 11.27 -27.05 10.66
CB MSE A 181 14.07 -25.79 10.51
CG MSE A 181 13.89 -25.08 9.16
SE MSE A 181 14.16 -23.14 9.32
CE MSE A 181 13.31 -22.57 7.64
N VAL A 182 10.85 -24.86 10.44
CA VAL A 182 9.57 -25.00 9.77
C VAL A 182 9.62 -24.31 8.42
N GLY A 183 9.38 -25.05 7.33
CA GLY A 183 9.38 -24.41 6.02
C GLY A 183 8.69 -25.24 4.95
N ASP A 184 8.51 -24.66 3.76
CA ASP A 184 7.79 -25.38 2.71
C ASP A 184 8.70 -25.93 1.61
N THR A 185 10.01 -25.71 1.71
CA THR A 185 10.93 -26.14 0.66
C THR A 185 11.92 -27.21 1.12
N LEU A 186 11.84 -28.39 0.51
CA LEU A 186 12.72 -29.49 0.90
C LEU A 186 14.20 -29.14 0.75
N GLU A 187 14.56 -28.45 -0.34
CA GLU A 187 15.98 -28.23 -0.66
C GLU A 187 16.62 -27.07 0.10
N THR A 188 15.81 -26.21 0.69
CA THR A 188 16.37 -25.14 1.50
C THR A 188 16.07 -25.36 2.98
N ASP A 189 14.80 -25.37 3.33
CA ASP A 189 14.40 -25.39 4.73
C ASP A 189 14.76 -26.73 5.38
N ILE A 190 14.31 -27.81 4.77
CA ILE A 190 14.46 -29.13 5.36
C ILE A 190 15.89 -29.63 5.29
N GLN A 191 16.47 -29.61 4.09
CA GLN A 191 17.86 -30.02 3.92
C GLN A 191 18.75 -29.23 4.87
N GLY A 192 18.42 -27.96 5.05
CA GLY A 192 19.24 -27.08 5.86
C GLY A 192 19.19 -27.46 7.32
N GLY A 193 17.97 -27.70 7.81
CA GLY A 193 17.77 -28.13 9.19
C GLY A 193 18.41 -29.48 9.47
N LEU A 194 18.35 -30.37 8.48
CA LEU A 194 19.05 -31.65 8.54
C LEU A 194 20.56 -31.45 8.56
N ASN A 195 21.06 -30.59 7.67
CA ASN A 195 22.50 -30.29 7.66
C ASN A 195 23.01 -29.77 9.01
N ALA A 196 22.21 -28.91 9.65
CA ALA A 196 22.65 -28.22 10.86
C ALA A 196 22.37 -29.04 12.11
N GLY A 197 21.79 -30.22 11.93
CA GLY A 197 21.57 -31.13 13.05
C GLY A 197 20.52 -30.63 14.02
N LEU A 198 19.52 -29.90 13.52
CA LEU A 198 18.45 -29.40 14.38
C LEU A 198 17.65 -30.55 14.99
N LYS A 199 16.97 -30.28 16.10
CA LYS A 199 16.13 -31.27 16.76
C LYS A 199 15.10 -31.85 15.78
N ALA A 200 14.49 -30.99 14.97
CA ALA A 200 13.48 -31.48 14.05
C ALA A 200 13.18 -30.54 12.93
N THR A 201 12.72 -31.10 11.82
CA THR A 201 12.31 -30.33 10.68
C THR A 201 10.86 -30.61 10.39
N VAL A 202 10.11 -29.56 10.07
CA VAL A 202 8.70 -29.65 9.77
C VAL A 202 8.46 -29.10 8.38
N TRP A 203 7.98 -29.96 7.49
CA TRP A 203 7.75 -29.58 6.12
C TRP A 203 6.28 -29.28 5.97
N ILE A 204 5.98 -28.09 5.48
CA ILE A 204 4.64 -27.75 5.08
C ILE A 204 4.53 -28.19 3.63
N ASN A 205 3.76 -29.25 3.42
CA ASN A 205 3.61 -29.86 2.11
C ASN A 205 2.32 -29.38 1.46
N LYS A 206 2.37 -28.19 0.87
CA LYS A 206 1.18 -27.60 0.30
C LYS A 206 0.67 -28.40 -0.90
N ASN A 207 1.62 -28.91 -1.70
CA ASN A 207 1.26 -29.67 -2.90
C ASN A 207 0.83 -31.11 -2.65
N GLY A 208 0.84 -31.55 -1.38
CA GLY A 208 0.41 -32.90 -1.05
C GLY A 208 1.22 -33.96 -1.78
N ILE A 209 2.50 -33.70 -1.95
CA ILE A 209 3.37 -34.52 -2.77
C ILE A 209 4.20 -35.52 -1.98
N VAL A 210 4.47 -36.67 -2.58
CA VAL A 210 5.39 -37.63 -2.02
C VAL A 210 6.79 -37.34 -2.55
N PRO A 211 7.73 -36.96 -1.67
CA PRO A 211 9.07 -36.61 -2.12
C PRO A 211 9.65 -37.75 -2.97
N LEU A 212 10.14 -37.41 -4.15
CA LEU A 212 10.80 -38.40 -4.99
C LEU A 212 11.98 -38.95 -4.21
N LYS A 213 12.37 -40.19 -4.50
CA LYS A 213 13.53 -40.74 -3.82
C LYS A 213 14.72 -39.81 -4.08
N SER A 214 15.67 -39.81 -3.16
CA SER A 214 16.83 -38.94 -3.25
C SER A 214 16.51 -37.51 -2.82
N SER A 215 15.26 -37.21 -2.48
CA SER A 215 14.98 -35.90 -1.89
C SER A 215 15.10 -36.01 -0.38
N PRO A 216 15.38 -34.89 0.30
CA PRO A 216 15.45 -34.88 1.77
C PRO A 216 14.10 -35.27 2.35
N VAL A 217 14.12 -35.98 3.47
CA VAL A 217 12.89 -36.35 4.17
C VAL A 217 12.83 -35.58 5.48
N PRO A 218 11.72 -34.88 5.76
CA PRO A 218 11.61 -34.13 7.03
C PRO A 218 11.25 -35.06 8.17
N HIS A 219 11.35 -34.58 9.41
CA HIS A 219 10.93 -35.36 10.58
C HIS A 219 9.41 -35.36 10.68
N TYR A 220 8.80 -34.25 10.32
CA TYR A 220 7.34 -34.10 10.36
C TYR A 220 6.82 -33.33 9.17
N MSE A 221 5.54 -33.54 8.90
CA MSE A 221 4.90 -33.00 7.73
C MSE A 221 3.48 -32.56 8.08
O MSE A 221 2.72 -33.28 8.75
CB MSE A 221 4.87 -34.07 6.65
CG MSE A 221 4.54 -33.59 5.26
SE MSE A 221 4.74 -35.06 3.97
CE MSE A 221 6.38 -35.87 4.57
N VAL A 222 3.13 -31.37 7.63
CA VAL A 222 1.81 -30.82 7.84
C VAL A 222 1.36 -30.20 6.53
N SER A 223 0.05 -30.06 6.37
CA SER A 223 -0.48 -29.44 5.17
C SER A 223 -0.62 -27.94 5.35
N SER A 224 -0.71 -27.52 6.62
CA SER A 224 -0.84 -26.10 6.94
C SER A 224 -0.01 -25.68 8.14
N VAL A 225 0.51 -24.46 8.09
CA VAL A 225 1.30 -23.91 9.17
C VAL A 225 0.45 -23.79 10.44
N LEU A 226 -0.88 -23.76 10.26
CA LEU A 226 -1.79 -23.67 11.40
C LEU A 226 -1.84 -24.97 12.20
N GLU A 227 -1.26 -26.03 11.67
CA GLU A 227 -1.17 -27.30 12.39
C GLU A 227 0.03 -27.35 13.32
N LEU A 228 0.87 -26.32 13.29
CA LEU A 228 2.12 -26.37 14.05
C LEU A 228 1.92 -26.46 15.57
N PRO A 229 1.06 -25.62 16.14
CA PRO A 229 0.94 -25.68 17.61
C PRO A 229 0.60 -27.07 18.16
N ALA A 230 -0.41 -27.72 17.61
CA ALA A 230 -0.75 -29.08 18.05
C ALA A 230 0.44 -30.02 17.89
N LEU A 231 1.14 -29.91 16.77
CA LEU A 231 2.35 -30.71 16.57
C LEU A 231 3.41 -30.41 17.63
N LEU A 232 3.74 -29.13 17.80
CA LEU A 232 4.79 -28.73 18.73
C LEU A 232 4.43 -29.06 20.17
N GLN A 233 3.13 -29.12 20.45
CA GLN A 233 2.63 -29.47 21.79
C GLN A 233 2.71 -30.98 22.04
N SER A 234 3.06 -31.73 21.00
CA SER A 234 3.14 -33.17 21.11
C SER A 234 4.58 -33.62 21.17
N ILE A 235 5.46 -32.95 20.44
CA ILE A 235 6.89 -33.21 20.55
C ILE A 235 7.46 -32.36 21.67
N ASP A 236 8.77 -32.45 21.89
CA ASP A 236 9.40 -31.77 23.01
C ASP A 236 9.66 -30.31 22.68
N CYS A 237 8.60 -29.50 22.72
CA CYS A 237 8.70 -28.09 22.33
C CYS A 237 7.77 -27.19 23.14
N LEU A 238 6.47 -27.42 23.02
CA LEU A 238 5.46 -26.68 23.80
C LEU A 238 4.84 -27.60 24.84
N VAL A 239 4.45 -27.07 25.99
CA VAL A 239 3.79 -27.90 27.00
C VAL A 239 2.45 -28.40 26.45
N PRO A 240 1.98 -29.56 26.94
CA PRO A 240 0.71 -30.12 26.44
C PRO A 240 -0.49 -29.21 26.68
N ARG A 241 -1.53 -29.38 25.86
CA ARG A 241 -2.71 -28.53 25.92
C ARG A 241 -3.55 -28.83 27.15
N MSE B 1 13.15 9.57 -13.67
CA MSE B 1 11.72 9.83 -13.74
C MSE B 1 11.31 10.81 -12.65
O MSE B 1 11.80 10.73 -11.52
CB MSE B 1 10.96 8.52 -13.57
CG MSE B 1 9.46 8.70 -13.56
SE MSE B 1 8.80 9.55 -15.21
CE MSE B 1 9.57 8.32 -16.52
N ARG B 2 10.41 11.73 -12.97
CA ARG B 2 9.88 12.66 -11.96
C ARG B 2 8.40 12.41 -11.73
N ALA B 3 7.86 12.98 -10.65
CA ALA B 3 6.47 12.77 -10.29
C ALA B 3 5.85 14.04 -9.69
N VAL B 4 4.57 14.24 -9.96
CA VAL B 4 3.81 15.32 -9.33
C VAL B 4 2.65 14.70 -8.56
N PHE B 5 2.58 15.00 -7.26
CA PHE B 5 1.51 14.48 -6.40
C PHE B 5 0.43 15.55 -6.33
N PHE B 6 -0.82 15.16 -6.54
CA PHE B 6 -1.94 16.08 -6.39
C PHE B 6 -2.80 15.76 -5.17
N ASP B 7 -3.16 16.80 -4.43
CA ASP B 7 -4.21 16.76 -3.43
C ASP B 7 -5.53 16.61 -4.19
N LEU B 8 -6.55 16.03 -3.55
CA LEU B 8 -7.86 15.91 -4.21
C LEU B 8 -8.86 17.01 -3.82
N ASP B 9 -9.33 16.99 -2.57
CA ASP B 9 -10.43 17.85 -2.15
C ASP B 9 -10.11 19.34 -2.25
N ASN B 10 -10.89 20.06 -3.04
CA ASN B 10 -10.72 21.52 -3.17
C ASN B 10 -9.44 21.89 -3.94
N THR B 11 -8.76 20.89 -4.46
CA THR B 11 -7.60 21.15 -5.33
C THR B 11 -7.97 20.79 -6.77
N LEU B 12 -8.48 19.59 -6.96
CA LEU B 12 -8.95 19.16 -8.28
C LEU B 12 -10.46 19.14 -8.40
N ILE B 13 -11.17 19.08 -7.27
CA ILE B 13 -12.63 19.08 -7.29
C ILE B 13 -13.17 20.04 -6.26
N ASP B 14 -14.34 20.61 -6.55
CA ASP B 14 -14.93 21.61 -5.68
C ASP B 14 -15.73 20.91 -4.57
N THR B 15 -15.01 20.34 -3.62
CA THR B 15 -15.62 19.63 -2.51
C THR B 15 -16.44 20.55 -1.61
N ALA B 16 -15.87 21.69 -1.26
CA ALA B 16 -16.55 22.63 -0.38
C ALA B 16 -17.87 23.11 -1.00
N GLY B 17 -17.82 23.46 -2.28
CA GLY B 17 -19.00 23.89 -3.00
C GLY B 17 -20.03 22.79 -3.21
N ALA B 18 -19.57 21.60 -3.58
CA ALA B 18 -20.46 20.45 -3.72
C ALA B 18 -21.20 20.18 -2.41
N SER B 19 -20.49 20.30 -1.28
CA SER B 19 -21.08 20.11 0.03
C SER B 19 -22.13 21.20 0.33
N ARG B 20 -21.81 22.45 -0.02
CA ARG B 20 -22.79 23.52 0.09
C ARG B 20 -24.02 23.20 -0.76
N ARG B 21 -23.83 22.78 -2.02
CA ARG B 21 -24.98 22.35 -2.83
C ARG B 21 -25.84 21.32 -2.08
N GLY B 22 -25.18 20.32 -1.50
CA GLY B 22 -25.89 19.27 -0.78
C GLY B 22 -26.76 19.79 0.35
N MSE B 23 -26.19 20.71 1.12
CA MSE B 23 -26.94 21.34 2.20
C MSE B 23 -28.10 22.18 1.65
O MSE B 23 -29.22 22.14 2.18
CB MSE B 23 -26.02 22.19 3.07
CG MSE B 23 -25.03 21.38 3.93
SE MSE B 23 -25.93 20.13 5.17
CE MSE B 23 -24.52 19.89 6.51
N LEU B 24 -27.84 22.94 0.59
CA LEU B 24 -28.89 23.72 -0.06
C LEU B 24 -30.06 22.84 -0.46
N GLU B 25 -29.74 21.67 -0.97
CA GLU B 25 -30.76 20.72 -1.38
C GLU B 25 -31.52 20.20 -0.17
N VAL B 26 -30.81 19.90 0.91
CA VAL B 26 -31.48 19.41 2.12
C VAL B 26 -32.42 20.48 2.70
N ILE B 27 -31.99 21.74 2.62
CA ILE B 27 -32.81 22.84 3.13
C ILE B 27 -34.09 22.92 2.34
N LYS B 28 -33.97 22.76 1.02
CA LYS B 28 -35.10 22.69 0.11
C LYS B 28 -36.04 21.56 0.56
N LEU B 29 -35.48 20.35 0.72
CA LEU B 29 -36.27 19.20 1.15
C LEU B 29 -37.06 19.48 2.42
N LEU B 30 -36.33 19.77 3.50
CA LEU B 30 -36.93 20.06 4.79
C LEU B 30 -38.02 21.15 4.73
N GLN B 31 -37.75 22.23 4.01
CA GLN B 31 -38.73 23.32 3.89
C GLN B 31 -39.91 22.98 2.98
N SER B 32 -39.62 22.39 1.83
CA SER B 32 -40.61 22.13 0.80
C SER B 32 -41.50 20.92 1.08
N LYS B 33 -40.90 19.87 1.62
CA LYS B 33 -41.64 18.63 1.86
C LYS B 33 -42.20 18.53 3.28
N TYR B 34 -41.44 19.03 4.24
CA TYR B 34 -41.81 18.86 5.64
C TYR B 34 -42.22 20.15 6.31
N HIS B 35 -42.27 21.24 5.54
CA HIS B 35 -42.75 22.51 6.05
C HIS B 35 -41.94 23.10 7.21
N TYR B 36 -40.69 22.69 7.33
CA TYR B 36 -39.79 23.31 8.29
C TYR B 36 -39.61 24.78 7.92
N LYS B 37 -39.43 25.62 8.91
CA LYS B 37 -39.17 27.02 8.64
C LYS B 37 -37.68 27.19 8.50
N GLU B 38 -37.12 28.05 9.35
CA GLU B 38 -35.67 28.22 9.37
C GLU B 38 -34.99 27.19 10.29
N GLU B 39 -35.75 26.22 10.80
CA GLU B 39 -35.16 25.09 11.53
C GLU B 39 -34.35 24.24 10.59
N ALA B 40 -34.65 24.33 9.29
CA ALA B 40 -33.92 23.60 8.27
C ALA B 40 -32.44 23.97 8.31
N GLU B 41 -32.14 25.27 8.29
CA GLU B 41 -30.74 25.71 8.35
C GLU B 41 -30.12 25.44 9.71
N ILE B 42 -30.94 25.48 10.76
CA ILE B 42 -30.47 25.15 12.09
C ILE B 42 -29.94 23.72 12.15
N ILE B 43 -30.70 22.78 11.60
CA ILE B 43 -30.26 21.38 11.59
C ILE B 43 -29.00 21.20 10.73
N CYS B 44 -29.03 21.71 9.51
CA CYS B 44 -27.86 21.60 8.64
C CYS B 44 -26.61 22.20 9.27
N ASP B 45 -26.76 23.38 9.88
CA ASP B 45 -25.62 23.99 10.52
C ASP B 45 -25.06 23.03 11.58
N LYS B 46 -25.96 22.40 12.34
CA LYS B 46 -25.55 21.46 13.37
C LYS B 46 -24.74 20.29 12.80
N VAL B 47 -25.15 19.79 11.65
CA VAL B 47 -24.44 18.67 11.01
C VAL B 47 -23.06 19.13 10.53
N GLN B 48 -23.00 20.32 9.98
CA GLN B 48 -21.73 20.92 9.57
C GLN B 48 -20.72 20.85 10.69
N VAL B 49 -21.16 21.21 11.90
CA VAL B 49 -20.27 21.22 13.05
C VAL B 49 -19.88 19.80 13.45
N LYS B 50 -20.85 18.90 13.46
CA LYS B 50 -20.56 17.53 13.86
C LYS B 50 -19.56 16.91 12.88
N LEU B 51 -19.73 17.20 11.59
CA LEU B 51 -18.79 16.70 10.57
C LEU B 51 -17.38 17.18 10.84
N SER B 52 -17.21 18.48 11.09
CA SER B 52 -15.90 19.09 11.36
C SER B 52 -15.21 18.48 12.57
N LYS B 53 -15.98 18.14 13.61
CA LYS B 53 -15.39 17.63 14.84
C LYS B 53 -15.09 16.13 14.73
N GLU B 54 -15.45 15.58 13.58
CA GLU B 54 -15.34 14.14 13.34
C GLU B 54 -13.93 13.77 12.89
N CYS B 62 -17.87 2.18 10.36
CA CYS B 62 -18.94 2.35 9.38
C CYS B 62 -19.32 3.81 9.30
N ILE B 63 -18.72 4.51 8.35
CA ILE B 63 -18.92 5.96 8.23
C ILE B 63 -20.39 6.34 7.95
N THR B 64 -21.10 5.50 7.21
CA THR B 64 -22.50 5.75 6.90
C THR B 64 -23.35 5.84 8.18
N ASP B 65 -23.17 4.90 9.08
CA ASP B 65 -23.91 4.92 10.34
C ASP B 65 -23.55 6.18 11.14
N LEU B 66 -22.26 6.48 11.21
CA LEU B 66 -21.78 7.63 11.96
C LEU B 66 -22.41 8.93 11.45
N ARG B 67 -22.49 9.06 10.13
CA ARG B 67 -22.95 10.31 9.52
C ARG B 67 -24.48 10.42 9.46
N THR B 68 -25.17 9.28 9.45
CA THR B 68 -26.62 9.31 9.57
C THR B 68 -26.95 9.68 11.00
N SER B 69 -26.13 9.22 11.95
CA SER B 69 -26.28 9.63 13.34
C SER B 69 -26.15 11.16 13.52
N HIS B 70 -25.19 11.78 12.85
CA HIS B 70 -25.05 13.24 12.91
C HIS B 70 -26.40 13.89 12.64
N TRP B 71 -27.05 13.43 11.57
CA TRP B 71 -28.36 13.95 11.15
C TRP B 71 -29.47 13.64 12.16
N GLU B 72 -29.47 12.41 12.68
CA GLU B 72 -30.47 11.99 13.65
C GLU B 72 -30.39 12.89 14.89
N GLU B 73 -29.18 13.07 15.40
CA GLU B 73 -28.90 13.98 16.49
C GLU B 73 -29.33 15.41 16.18
N ALA B 74 -28.79 15.98 15.11
CA ALA B 74 -29.13 17.34 14.71
C ALA B 74 -30.65 17.57 14.66
N ILE B 75 -31.38 16.60 14.12
CA ILE B 75 -32.83 16.76 14.03
C ILE B 75 -33.48 16.71 15.41
N GLN B 76 -33.02 15.79 16.25
CA GLN B 76 -33.59 15.63 17.59
C GLN B 76 -33.28 16.84 18.47
N GLU B 77 -32.08 17.39 18.31
CA GLU B 77 -31.68 18.56 19.10
C GLU B 77 -32.45 19.79 18.70
N THR B 78 -33.02 19.76 17.51
CA THR B 78 -33.67 20.94 16.97
C THR B 78 -35.19 20.85 17.05
N LYS B 79 -35.72 19.66 16.77
CA LYS B 79 -37.17 19.47 16.80
C LYS B 79 -37.66 18.65 17.99
N GLY B 80 -36.72 18.17 18.81
CA GLY B 80 -37.04 17.29 19.92
C GLY B 80 -37.66 16.01 19.37
N GLY B 81 -38.45 15.34 20.20
CA GLY B 81 -39.12 14.13 19.75
C GLY B 81 -38.26 12.89 19.92
N ALA B 82 -38.79 11.75 19.47
CA ALA B 82 -38.00 10.54 19.38
C ALA B 82 -37.07 10.64 18.17
N ALA B 83 -35.89 10.03 18.29
CA ALA B 83 -34.95 9.98 17.18
C ALA B 83 -35.65 9.49 15.90
N ASN B 84 -35.48 10.22 14.81
CA ASN B 84 -36.11 9.91 13.54
C ASN B 84 -35.07 9.41 12.52
N ARG B 85 -34.84 8.09 12.50
CA ARG B 85 -33.74 7.53 11.70
C ARG B 85 -34.01 7.67 10.20
N LYS B 86 -35.28 7.56 9.81
CA LYS B 86 -35.62 7.60 8.39
C LYS B 86 -35.44 9.00 7.81
N LEU B 87 -35.90 10.01 8.52
CA LEU B 87 -35.70 11.38 8.08
C LEU B 87 -34.21 11.71 8.03
N ALA B 88 -33.48 11.25 9.03
CA ALA B 88 -32.03 11.43 9.08
C ALA B 88 -31.39 10.83 7.83
N GLU B 89 -31.74 9.59 7.52
CA GLU B 89 -31.22 8.96 6.33
C GLU B 89 -31.61 9.74 5.08
N GLU B 90 -32.86 10.16 5.00
CA GLU B 90 -33.35 10.91 3.85
C GLU B 90 -32.48 12.17 3.64
N CYS B 91 -32.21 12.86 4.73
CA CYS B 91 -31.33 14.03 4.69
C CYS B 91 -29.91 13.65 4.30
N TYR B 92 -29.36 12.65 4.95
CA TYR B 92 -27.97 12.25 4.72
C TYR B 92 -27.71 11.88 3.26
N PHE B 93 -28.54 10.99 2.74
CA PHE B 93 -28.34 10.50 1.37
C PHE B 93 -28.60 11.58 0.32
N LEU B 94 -29.47 12.54 0.64
CA LEU B 94 -29.65 13.69 -0.27
C LEU B 94 -28.36 14.52 -0.34
N TRP B 95 -27.85 14.90 0.83
CA TRP B 95 -26.58 15.57 0.92
C TRP B 95 -25.47 14.78 0.21
N LYS B 96 -25.29 13.53 0.59
CA LYS B 96 -24.23 12.70 0.02
C LYS B 96 -24.31 12.61 -1.51
N SER B 97 -25.49 12.25 -2.01
CA SER B 97 -25.64 12.03 -3.45
C SER B 97 -25.51 13.34 -4.23
N THR B 98 -26.07 14.41 -3.69
CA THR B 98 -25.91 15.74 -4.32
C THR B 98 -24.44 16.17 -4.39
N ARG B 99 -23.76 16.02 -3.27
CA ARG B 99 -22.32 16.27 -3.13
C ARG B 99 -21.57 15.61 -4.28
N LEU B 100 -21.71 14.28 -4.35
CA LEU B 100 -20.93 13.47 -5.28
C LEU B 100 -21.25 13.78 -6.74
N GLN B 101 -22.52 14.08 -6.98
CA GLN B 101 -23.00 14.42 -8.31
C GLN B 101 -22.20 15.59 -8.85
N HIS B 102 -21.91 16.54 -7.97
CA HIS B 102 -21.27 17.78 -8.36
C HIS B 102 -19.78 17.84 -8.11
N MSE B 103 -19.17 16.70 -7.81
CA MSE B 103 -17.72 16.65 -7.84
C MSE B 103 -17.25 16.16 -9.21
O MSE B 103 -17.39 14.99 -9.56
CB MSE B 103 -17.18 15.77 -6.73
CG MSE B 103 -17.30 16.41 -5.36
SE MSE B 103 -17.10 15.04 -4.01
CE MSE B 103 -17.85 16.00 -2.48
N THR B 104 -16.72 17.09 -9.99
CA THR B 104 -16.29 16.75 -11.34
C THR B 104 -14.99 17.46 -11.65
N LEU B 105 -14.14 16.82 -12.45
CA LEU B 105 -12.95 17.49 -12.96
C LEU B 105 -13.35 18.43 -14.08
N ALA B 106 -13.04 19.71 -13.91
CA ALA B 106 -13.22 20.68 -15.00
C ALA B 106 -12.44 20.27 -16.27
N GLU B 107 -13.03 20.56 -17.42
CA GLU B 107 -12.48 20.20 -18.71
C GLU B 107 -11.01 20.61 -18.87
N ASP B 108 -10.68 21.83 -18.49
CA ASP B 108 -9.31 22.34 -18.60
C ASP B 108 -8.34 21.69 -17.60
N VAL B 109 -8.88 21.19 -16.50
CA VAL B 109 -8.06 20.47 -15.53
C VAL B 109 -7.76 19.07 -16.06
N LYS B 110 -8.74 18.47 -16.71
CA LYS B 110 -8.55 17.19 -17.39
C LYS B 110 -7.46 17.33 -18.45
N ALA B 111 -7.52 18.41 -19.22
CA ALA B 111 -6.53 18.66 -20.26
C ALA B 111 -5.14 18.84 -19.64
N MSE B 112 -5.08 19.71 -18.63
CA MSE B 112 -3.84 19.98 -17.91
C MSE B 112 -3.20 18.69 -17.38
O MSE B 112 -2.00 18.47 -17.53
CB MSE B 112 -4.10 20.97 -16.78
CG MSE B 112 -2.86 21.48 -16.09
SE MSE B 112 -2.58 20.62 -14.38
CE MSE B 112 -3.71 21.70 -13.28
N LEU B 113 -4.00 17.83 -16.76
CA LEU B 113 -3.50 16.57 -16.23
C LEU B 113 -3.06 15.64 -17.35
N THR B 114 -3.79 15.68 -18.46
CA THR B 114 -3.46 14.83 -19.60
C THR B 114 -2.09 15.17 -20.17
N GLU B 115 -1.78 16.46 -20.22
CA GLU B 115 -0.48 16.91 -20.70
C GLU B 115 0.65 16.52 -19.74
N LEU B 116 0.49 16.87 -18.47
CA LEU B 116 1.45 16.50 -17.44
C LEU B 116 1.87 15.03 -17.51
N ARG B 117 0.90 14.13 -17.63
CA ARG B 117 1.17 12.70 -17.51
C ARG B 117 2.13 12.22 -18.58
N LYS B 118 2.31 13.04 -19.60
CA LYS B 118 3.18 12.69 -20.72
C LYS B 118 4.66 12.98 -20.45
N GLU B 119 4.94 13.61 -19.31
CA GLU B 119 6.32 13.91 -18.94
C GLU B 119 6.67 13.31 -17.58
N VAL B 120 5.68 13.24 -16.69
CA VAL B 120 5.93 12.81 -15.32
C VAL B 120 4.86 11.85 -14.85
N ARG B 121 5.20 11.04 -13.85
CA ARG B 121 4.22 10.20 -13.20
C ARG B 121 3.28 11.09 -12.38
N LEU B 122 1.99 10.77 -12.42
CA LEU B 122 0.98 11.50 -11.64
C LEU B 122 0.40 10.62 -10.55
N LEU B 123 0.39 11.13 -9.33
CA LEU B 123 -0.19 10.38 -8.22
C LEU B 123 -1.13 11.30 -7.46
N LEU B 124 -2.28 10.76 -7.06
CA LEU B 124 -3.25 11.48 -6.25
C LEU B 124 -3.12 11.01 -4.79
N LEU B 125 -2.91 11.96 -3.89
CA LEU B 125 -2.71 11.66 -2.47
C LEU B 125 -3.74 12.42 -1.66
N THR B 126 -4.70 11.68 -1.13
CA THR B 126 -5.88 12.30 -0.55
C THR B 126 -6.13 11.75 0.85
N ASN B 127 -6.28 12.62 1.84
CA ASN B 127 -6.62 12.21 3.20
C ASN B 127 -8.09 11.81 3.30
N GLY B 128 -8.43 11.00 4.31
CA GLY B 128 -9.82 10.74 4.63
C GLY B 128 -10.17 9.27 4.72
N ASP B 129 -11.36 8.96 5.20
CA ASP B 129 -11.73 7.55 5.33
C ASP B 129 -11.83 6.87 3.98
N ARG B 130 -11.42 5.60 3.95
CA ARG B 130 -11.43 4.78 2.74
C ARG B 130 -12.70 4.94 1.89
N GLN B 131 -13.85 4.67 2.48
CA GLN B 131 -15.08 4.61 1.68
C GLN B 131 -15.40 5.95 1.05
N THR B 132 -15.43 6.99 1.87
CA THR B 132 -15.77 8.33 1.43
C THR B 132 -14.86 8.82 0.30
N GLN B 133 -13.54 8.63 0.43
CA GLN B 133 -12.61 9.12 -0.60
C GLN B 133 -12.70 8.30 -1.88
N ARG B 134 -12.78 6.98 -1.74
CA ARG B 134 -12.96 6.12 -2.92
C ARG B 134 -14.25 6.46 -3.68
N GLU B 135 -15.30 6.79 -2.93
CA GLU B 135 -16.53 7.31 -3.52
C GLU B 135 -16.30 8.60 -4.34
N LYS B 136 -15.60 9.57 -3.77
CA LYS B 136 -15.30 10.82 -4.46
C LYS B 136 -14.53 10.56 -5.75
N ILE B 137 -13.59 9.64 -5.68
CA ILE B 137 -12.71 9.33 -6.81
C ILE B 137 -13.53 8.72 -7.95
N GLU B 138 -14.47 7.85 -7.60
CA GLU B 138 -15.37 7.25 -8.57
C GLU B 138 -16.25 8.32 -9.18
N ALA B 139 -16.81 9.16 -8.32
CA ALA B 139 -17.76 10.19 -8.73
C ALA B 139 -17.17 11.18 -9.74
N CYS B 140 -15.91 11.58 -9.55
CA CYS B 140 -15.28 12.53 -10.45
C CYS B 140 -14.48 11.83 -11.53
N ALA B 141 -14.52 10.50 -11.53
CA ALA B 141 -13.87 9.73 -12.57
C ALA B 141 -12.46 10.25 -12.79
N CYS B 142 -11.64 10.27 -11.75
CA CYS B 142 -10.31 10.86 -11.89
C CYS B 142 -9.21 9.81 -11.95
N GLN B 143 -9.55 8.58 -11.57
CA GLN B 143 -8.56 7.50 -11.53
C GLN B 143 -7.85 7.27 -12.86
N SER B 144 -8.52 7.62 -13.96
CA SER B 144 -7.95 7.36 -15.29
C SER B 144 -6.88 8.37 -15.67
N TYR B 145 -6.85 9.50 -14.96
CA TYR B 145 -5.82 10.51 -15.22
C TYR B 145 -4.57 10.27 -14.39
N PHE B 146 -4.61 9.29 -13.49
CA PHE B 146 -3.51 9.07 -12.57
C PHE B 146 -2.82 7.72 -12.69
N ASP B 147 -1.51 7.72 -12.42
CA ASP B 147 -0.73 6.51 -12.42
C ASP B 147 -0.93 5.76 -11.11
N ALA B 148 -1.31 6.50 -10.07
CA ALA B 148 -1.52 5.91 -8.77
C ALA B 148 -2.44 6.76 -7.93
N VAL B 149 -3.12 6.10 -6.99
CA VAL B 149 -4.04 6.79 -6.10
C VAL B 149 -3.86 6.25 -4.68
N VAL B 150 -3.64 7.16 -3.75
CA VAL B 150 -3.37 6.77 -2.38
C VAL B 150 -4.31 7.50 -1.44
N VAL B 151 -5.01 6.72 -0.63
CA VAL B 151 -6.01 7.26 0.27
C VAL B 151 -5.51 7.14 1.71
N GLY B 152 -5.39 8.27 2.41
CA GLY B 152 -4.85 8.29 3.76
C GLY B 152 -5.47 7.27 4.70
N GLY B 153 -6.80 7.14 4.65
CA GLY B 153 -7.50 6.22 5.53
C GLY B 153 -7.12 4.76 5.34
N GLU B 154 -6.47 4.44 4.22
CA GLU B 154 -6.12 3.05 3.96
C GLU B 154 -4.67 2.83 4.34
N GLN B 155 -4.03 3.87 4.88
CA GLN B 155 -2.61 3.79 5.20
C GLN B 155 -2.42 3.90 6.71
N ARG B 156 -1.21 3.57 7.16
CA ARG B 156 -0.85 3.65 8.57
C ARG B 156 -0.91 5.08 9.12
N GLU B 157 -0.49 6.04 8.30
CA GLU B 157 -0.55 7.46 8.66
C GLU B 157 -1.02 8.27 7.46
N GLU B 158 -1.50 9.49 7.69
CA GLU B 158 -2.02 10.37 6.65
C GLU B 158 -1.09 11.58 6.53
N LYS B 159 -1.34 12.42 5.53
CA LYS B 159 -0.69 13.73 5.47
C LYS B 159 -0.99 14.42 6.78
N PRO B 160 0.00 15.11 7.38
CA PRO B 160 1.34 15.42 6.84
C PRO B 160 2.48 14.48 7.26
N ALA B 161 2.14 13.31 7.77
CA ALA B 161 3.14 12.33 8.15
C ALA B 161 4.02 11.94 6.96
N PRO B 162 5.35 12.03 7.13
CA PRO B 162 6.26 11.77 6.01
C PRO B 162 6.10 10.35 5.48
N SER B 163 5.71 9.40 6.33
CA SER B 163 5.63 8.01 5.89
C SER B 163 4.73 7.80 4.66
N ILE B 164 3.61 8.52 4.59
CA ILE B 164 2.70 8.30 3.45
C ILE B 164 3.32 8.84 2.15
N PHE B 165 4.12 9.88 2.30
CA PHE B 165 4.86 10.40 1.16
C PHE B 165 5.92 9.40 0.68
N TYR B 166 6.67 8.79 1.63
CA TYR B 166 7.68 7.81 1.22
C TYR B 166 7.01 6.59 0.58
N TYR B 167 5.84 6.21 1.10
CA TYR B 167 5.05 5.15 0.50
C TYR B 167 4.75 5.48 -0.95
N CYS B 168 4.26 6.70 -1.20
CA CYS B 168 3.96 7.15 -2.56
C CYS B 168 5.19 7.11 -3.47
N CYS B 169 6.33 7.54 -2.92
CA CYS B 169 7.56 7.58 -3.72
C CYS B 169 7.93 6.16 -4.09
N ASN B 170 7.85 5.27 -3.11
CA ASN B 170 8.19 3.88 -3.35
C ASN B 170 7.25 3.20 -4.34
N LEU B 171 5.96 3.55 -4.28
CA LEU B 171 4.96 3.01 -5.21
C LEU B 171 5.40 3.21 -6.64
N LEU B 172 5.85 4.44 -6.93
CA LEU B 172 6.20 4.82 -8.29
C LEU B 172 7.66 4.50 -8.63
N GLY B 173 8.48 4.21 -7.62
CA GLY B 173 9.89 4.00 -7.86
C GLY B 173 10.66 5.29 -8.10
N VAL B 174 10.23 6.38 -7.46
CA VAL B 174 10.92 7.67 -7.61
C VAL B 174 11.46 8.12 -6.26
N GLN B 175 12.32 9.15 -6.26
CA GLN B 175 12.83 9.71 -5.02
C GLN B 175 12.04 10.95 -4.62
N PRO B 176 11.98 11.24 -3.32
CA PRO B 176 11.37 12.47 -2.79
C PRO B 176 11.88 13.69 -3.52
N GLY B 177 13.20 13.76 -3.75
CA GLY B 177 13.82 14.90 -4.42
C GLY B 177 13.39 15.10 -5.87
N ASP B 178 12.71 14.10 -6.43
CA ASP B 178 12.22 14.22 -7.80
C ASP B 178 10.71 14.46 -7.89
N CYS B 179 10.10 14.76 -6.75
CA CYS B 179 8.64 14.91 -6.63
C CYS B 179 8.21 16.29 -6.15
N VAL B 180 7.05 16.73 -6.64
CA VAL B 180 6.46 18.00 -6.25
C VAL B 180 5.08 17.71 -5.68
N MSE B 181 4.74 18.33 -4.54
CA MSE B 181 3.39 18.18 -3.98
C MSE B 181 2.58 19.45 -4.27
O MSE B 181 3.09 20.55 -4.12
CB MSE B 181 3.43 17.94 -2.47
CG MSE B 181 2.05 17.92 -1.78
SE MSE B 181 1.07 16.30 -2.24
CE MSE B 181 -0.75 16.76 -1.57
N VAL B 182 1.32 19.28 -4.66
CA VAL B 182 0.43 20.38 -4.96
C VAL B 182 -0.86 20.20 -4.18
N GLY B 183 -1.25 21.22 -3.41
CA GLY B 183 -2.47 21.13 -2.64
C GLY B 183 -2.89 22.45 -2.02
N ASP B 184 -4.05 22.47 -1.36
CA ASP B 184 -4.57 23.75 -0.87
C ASP B 184 -4.49 23.88 0.64
N THR B 185 -3.92 22.89 1.32
CA THR B 185 -3.86 22.93 2.78
C THR B 185 -2.45 22.92 3.36
N LEU B 186 -2.09 24.00 4.06
CA LEU B 186 -0.77 24.15 4.65
C LEU B 186 -0.42 23.03 5.60
N GLU B 187 -1.38 22.66 6.45
CA GLU B 187 -1.14 21.71 7.53
C GLU B 187 -1.08 20.25 7.09
N THR B 188 -1.51 19.95 5.88
CA THR B 188 -1.45 18.58 5.39
C THR B 188 -0.57 18.50 4.15
N ASP B 189 -1.03 19.13 3.07
CA ASP B 189 -0.29 19.08 1.82
C ASP B 189 1.10 19.67 1.94
N ILE B 190 1.19 20.93 2.36
CA ILE B 190 2.46 21.61 2.35
C ILE B 190 3.37 21.08 3.45
N GLN B 191 2.87 21.00 4.68
CA GLN B 191 3.68 20.49 5.79
C GLN B 191 4.16 19.08 5.49
N GLY B 192 3.33 18.33 4.79
CA GLY B 192 3.64 16.95 4.48
C GLY B 192 4.79 16.89 3.50
N GLY B 193 4.66 17.63 2.40
CA GLY B 193 5.71 17.72 1.41
C GLY B 193 7.03 18.20 2.01
N LEU B 194 6.95 19.12 2.96
CA LEU B 194 8.16 19.58 3.66
C LEU B 194 8.74 18.48 4.55
N ASN B 195 7.88 17.86 5.33
CA ASN B 195 8.31 16.72 6.15
C ASN B 195 9.05 15.63 5.36
N ALA B 196 8.59 15.39 4.13
CA ALA B 196 9.10 14.30 3.30
C ALA B 196 10.30 14.70 2.45
N GLY B 197 10.66 15.98 2.47
CA GLY B 197 11.82 16.44 1.75
C GLY B 197 11.59 16.46 0.26
N LEU B 198 10.36 16.74 -0.15
CA LEU B 198 10.03 16.78 -1.55
C LEU B 198 10.80 17.91 -2.23
N LYS B 199 11.00 17.79 -3.55
CA LYS B 199 11.67 18.83 -4.31
C LYS B 199 11.02 20.19 -4.05
N ALA B 200 9.69 20.22 -4.07
CA ALA B 200 8.98 21.48 -3.95
C ALA B 200 7.55 21.26 -3.52
N THR B 201 7.00 22.23 -2.80
CA THR B 201 5.60 22.21 -2.42
C THR B 201 4.90 23.38 -3.11
N VAL B 202 3.72 23.14 -3.65
CA VAL B 202 2.97 24.19 -4.33
C VAL B 202 1.63 24.38 -3.63
N TRP B 203 1.43 25.57 -3.07
CA TRP B 203 0.21 25.88 -2.32
C TRP B 203 -0.79 26.63 -3.20
N ILE B 204 -1.96 26.03 -3.39
CA ILE B 204 -3.07 26.75 -4.03
C ILE B 204 -3.74 27.61 -2.98
N ASN B 205 -3.51 28.92 -3.06
CA ASN B 205 -4.07 29.87 -2.10
C ASN B 205 -4.99 30.83 -2.81
N LYS B 206 -6.18 31.02 -2.25
CA LYS B 206 -7.16 31.88 -2.88
C LYS B 206 -7.56 32.99 -1.93
N ASN B 207 -7.27 32.79 -0.65
CA ASN B 207 -7.62 33.78 0.36
C ASN B 207 -6.71 34.99 0.27
N GLY B 208 -5.83 34.99 -0.71
CA GLY B 208 -4.95 36.12 -0.95
C GLY B 208 -4.44 36.68 0.37
N ILE B 209 -3.58 35.93 1.03
CA ILE B 209 -3.08 36.30 2.35
C ILE B 209 -2.02 35.30 2.80
N VAL B 210 -0.92 35.79 3.35
CA VAL B 210 0.05 34.89 3.97
C VAL B 210 -0.33 34.66 5.42
N PRO B 211 -0.22 33.40 5.86
CA PRO B 211 -0.63 33.00 7.21
C PRO B 211 0.23 33.65 8.29
N LEU B 212 -0.17 33.45 9.54
CA LEU B 212 0.62 33.94 10.64
C LEU B 212 1.94 33.19 10.68
N LYS B 213 2.94 33.84 11.28
CA LYS B 213 4.21 33.21 11.52
C LYS B 213 3.94 31.86 12.19
N SER B 214 4.73 30.85 11.83
CA SER B 214 4.67 29.52 12.46
C SER B 214 3.80 28.53 11.69
N SER B 215 3.05 28.99 10.71
CA SER B 215 2.40 28.07 9.80
C SER B 215 3.45 27.68 8.77
N PRO B 216 3.30 26.51 8.14
CA PRO B 216 4.30 26.10 7.16
C PRO B 216 4.35 27.12 6.04
N VAL B 217 5.52 27.30 5.46
CA VAL B 217 5.65 28.11 4.24
C VAL B 217 5.95 27.19 3.05
N PRO B 218 5.15 27.30 1.98
CA PRO B 218 5.36 26.50 0.77
C PRO B 218 6.52 27.05 -0.06
N HIS B 219 7.02 26.29 -1.03
CA HIS B 219 8.04 26.82 -1.93
C HIS B 219 7.42 27.79 -2.92
N TYR B 220 6.25 27.44 -3.44
CA TYR B 220 5.57 28.28 -4.42
C TYR B 220 4.10 28.37 -4.09
N MSE B 221 3.46 29.38 -4.66
CA MSE B 221 2.07 29.68 -4.36
C MSE B 221 1.34 30.11 -5.64
O MSE B 221 1.84 30.97 -6.38
CB MSE B 221 2.01 30.78 -3.31
CG MSE B 221 0.62 31.09 -2.79
SE MSE B 221 0.63 32.47 -1.41
CE MSE B 221 2.33 32.15 -0.59
N VAL B 222 0.19 29.51 -5.90
CA VAL B 222 -0.59 29.86 -7.08
C VAL B 222 -2.04 30.06 -6.64
N SER B 223 -2.78 30.89 -7.37
CA SER B 223 -4.18 31.09 -7.02
C SER B 223 -5.06 30.01 -7.65
N SER B 224 -4.55 29.36 -8.70
CA SER B 224 -5.27 28.28 -9.37
C SER B 224 -4.35 27.12 -9.76
N VAL B 225 -4.91 25.92 -9.79
CA VAL B 225 -4.16 24.74 -10.22
C VAL B 225 -3.79 24.82 -11.70
N LEU B 226 -4.51 25.63 -12.46
CA LEU B 226 -4.22 25.80 -13.88
C LEU B 226 -2.91 26.56 -14.11
N GLU B 227 -2.40 27.22 -13.06
CA GLU B 227 -1.09 27.88 -13.12
C GLU B 227 0.08 26.90 -13.05
N LEU B 228 -0.20 25.64 -12.75
CA LEU B 228 0.85 24.65 -12.54
C LEU B 228 1.85 24.46 -13.70
N PRO B 229 1.36 24.15 -14.91
CA PRO B 229 2.28 23.84 -16.01
C PRO B 229 3.35 24.92 -16.19
N ALA B 230 2.96 26.18 -16.17
CA ALA B 230 3.90 27.27 -16.35
C ALA B 230 4.94 27.25 -15.24
N LEU B 231 4.46 27.09 -14.01
CA LEU B 231 5.35 27.01 -12.86
C LEU B 231 6.34 25.86 -12.99
N LEU B 232 5.84 24.67 -13.29
CA LEU B 232 6.68 23.47 -13.37
C LEU B 232 7.56 23.43 -14.61
N GLN B 233 7.29 24.29 -15.58
CA GLN B 233 8.17 24.42 -16.74
C GLN B 233 9.36 25.33 -16.42
N SER B 234 9.30 25.96 -15.25
CA SER B 234 10.33 26.93 -14.86
C SER B 234 11.29 26.33 -13.85
N ILE B 235 10.75 25.54 -12.91
CA ILE B 235 11.62 24.82 -12.00
C ILE B 235 12.09 23.56 -12.69
N ASP B 236 12.84 22.73 -11.98
CA ASP B 236 13.37 21.50 -12.56
C ASP B 236 12.33 20.37 -12.56
N CYS B 237 11.32 20.49 -13.43
CA CYS B 237 10.24 19.49 -13.47
C CYS B 237 9.83 19.11 -14.89
N LEU B 238 9.31 20.08 -15.64
CA LEU B 238 8.94 19.86 -17.04
C LEU B 238 9.91 20.64 -17.93
N VAL B 239 10.15 20.18 -19.16
CA VAL B 239 11.02 20.90 -20.10
C VAL B 239 10.40 22.24 -20.48
N PRO B 240 11.22 23.28 -20.60
CA PRO B 240 10.69 24.61 -20.89
C PRO B 240 9.74 24.58 -22.08
N ARG B 241 8.80 25.53 -22.12
CA ARG B 241 7.79 25.60 -23.18
C ARG B 241 7.33 24.21 -23.63
P PO4 C . 12.30 -18.01 1.85
O1 PO4 C . 12.46 -17.24 0.56
O2 PO4 C . 13.66 -18.56 2.26
O3 PO4 C . 11.34 -19.14 1.63
O4 PO4 C . 11.75 -17.10 2.90
MG MG D . 9.50 -20.72 1.25
P PO4 E . -7.77 15.85 0.66
O1 PO4 E . -6.56 15.28 1.34
O2 PO4 E . -8.99 15.60 1.52
O3 PO4 E . -7.99 15.19 -0.66
O4 PO4 E . -7.67 17.34 0.47
MG MG F . -7.57 19.80 0.05
#